data_9F8T
#
_entry.id   9F8T
#
_cell.length_a   107.539
_cell.length_b   130.860
_cell.length_c   77.050
_cell.angle_alpha   90.000
_cell.angle_beta   90.000
_cell.angle_gamma   90.000
#
_symmetry.space_group_name_H-M   'C 2 2 21'
#
loop_
_entity.id
_entity.type
_entity.pdbx_description
1 polymer 'Clathrin heavy chain 1'
2 polymer 'AP2-associated protein kinase 1'
3 water water
#
loop_
_entity_poly.entity_id
_entity_poly.type
_entity_poly.pdbx_seq_one_letter_code
_entity_poly.pdbx_strand_id
1 'polypeptide(L)'
;MAQILPIRFQEHLQLQNLGINPANIGFSTLTMESDKFICIREKVGEQAQVVIIDMNDPSNPIRRPISADSAIMNPASKVI
ALKAGKTLQIFNIEMKSKMKAHTMTDDVTFWKWISLNTVALVTDNAVYHWSMEGESQPVKMFDRHSSLAGCQIINYRTDA
KQKWLLLTGISAQQNRVVGAMQLYSVDRKVSQPIEGHAASFAQFKMEGNAEESTLFCFAVRGQAGGKLHIIEVGTPPTGN
QPFPKKAVDVFFPPEAQNDFPVAMQISEKHDVVFLITKYGYIHLYDLETGTCIYMNRISGETIFVTAPHEATAGIIGVNR
KGQVLSVCVEEENIIPYITNVLQNPDLALRMAVRNNLAGAEEL
;
A
2 'polypeptide(L)' DQLIDL D,E
#
# COMPACT_ATOMS: atom_id res chain seq x y z
N MET A 1 9.52 -22.58 26.38
CA MET A 1 9.61 -22.57 24.89
C MET A 1 9.09 -21.23 24.37
N ALA A 2 9.62 -20.79 23.22
CA ALA A 2 9.24 -19.53 22.63
C ALA A 2 7.76 -19.60 22.26
N GLN A 3 7.03 -18.52 22.57
N GLN A 3 7.03 -18.50 22.55
CA GLN A 3 5.63 -18.39 22.20
CA GLN A 3 5.63 -18.40 22.22
C GLN A 3 5.51 -18.56 20.68
C GLN A 3 5.46 -18.50 20.70
N ILE A 4 4.48 -19.30 20.24
CA ILE A 4 4.11 -19.32 18.84
C ILE A 4 3.67 -17.91 18.45
N LEU A 5 3.97 -17.53 17.21
CA LEU A 5 3.59 -16.23 16.70
C LEU A 5 2.55 -16.45 15.61
N PRO A 6 1.54 -15.55 15.46
CA PRO A 6 0.53 -15.70 14.41
C PRO A 6 1.02 -15.23 13.04
N ILE A 7 2.21 -14.61 13.01
CA ILE A 7 2.80 -14.11 11.76
C ILE A 7 4.20 -14.69 11.61
N ARG A 8 4.69 -14.67 10.37
CA ARG A 8 6.05 -15.07 10.01
C ARG A 8 6.75 -13.90 9.33
N PHE A 9 7.96 -13.62 9.82
CA PHE A 9 8.85 -12.69 9.16
C PHE A 9 9.73 -13.42 8.16
N GLN A 10 10.17 -12.66 7.18
CA GLN A 10 11.18 -13.20 6.27
C GLN A 10 11.96 -12.05 5.66
N GLU A 11 13.29 -12.09 5.78
CA GLU A 11 14.14 -11.13 5.09
C GLU A 11 14.45 -11.67 3.69
N HIS A 12 14.15 -10.90 2.66
CA HIS A 12 14.35 -11.37 1.30
C HIS A 12 15.74 -10.96 0.81
N LEU A 13 16.17 -9.75 1.15
CA LEU A 13 17.30 -9.14 0.50
C LEU A 13 17.80 -8.02 1.38
N GLN A 14 19.13 -7.73 1.29
CA GLN A 14 19.70 -6.51 1.80
C GLN A 14 20.27 -5.73 0.62
N LEU A 15 19.69 -4.55 0.34
CA LEU A 15 20.03 -3.81 -0.87
C LEU A 15 21.49 -3.39 -0.81
N GLN A 16 22.01 -3.10 0.38
CA GLN A 16 23.41 -2.73 0.48
C GLN A 16 24.33 -3.84 -0.03
N ASN A 17 23.87 -5.08 -0.07
CA ASN A 17 24.72 -6.16 -0.58
C ASN A 17 24.76 -6.15 -2.11
N LEU A 18 23.94 -5.33 -2.76
CA LEU A 18 23.96 -5.25 -4.20
C LEU A 18 24.64 -3.94 -4.57
N GLY A 19 25.26 -3.29 -3.58
CA GLY A 19 25.97 -2.05 -3.81
C GLY A 19 25.02 -0.89 -4.10
N ILE A 20 23.85 -0.89 -3.45
CA ILE A 20 23.00 0.28 -3.46
C ILE A 20 23.48 1.19 -2.34
N ASN A 21 23.63 2.47 -2.66
CA ASN A 21 24.04 3.47 -1.70
C ASN A 21 22.85 3.83 -0.81
N PRO A 22 23.00 3.73 0.54
CA PRO A 22 21.94 4.08 1.49
C PRO A 22 21.31 5.46 1.29
N ALA A 23 22.09 6.40 0.73
CA ALA A 23 21.56 7.72 0.46
C ALA A 23 20.39 7.61 -0.51
N ASN A 24 20.31 6.53 -1.28
CA ASN A 24 19.24 6.44 -2.26
C ASN A 24 18.15 5.50 -1.81
N ILE A 25 18.24 4.96 -0.57
CA ILE A 25 17.18 4.12 -0.09
C ILE A 25 16.17 4.98 0.69
N GLY A 26 15.15 5.48 0.00
CA GLY A 26 14.20 6.38 0.62
C GLY A 26 13.01 6.58 -0.31
N PHE A 27 11.99 7.29 0.18
CA PHE A 27 10.69 7.33 -0.48
C PHE A 27 10.81 7.98 -1.86
N SER A 28 11.68 8.97 -2.04
CA SER A 28 11.74 9.70 -3.30
C SER A 28 12.54 8.95 -4.39
N THR A 29 13.41 8.01 -4.02
CA THR A 29 14.33 7.43 -4.98
C THR A 29 14.13 5.93 -5.16
N LEU A 30 13.41 5.24 -4.27
CA LEU A 30 13.26 3.80 -4.35
C LEU A 30 11.77 3.48 -4.39
N THR A 31 11.34 2.77 -5.44
CA THR A 31 9.92 2.44 -5.62
C THR A 31 9.79 0.93 -5.67
N MET A 32 8.67 0.46 -5.14
CA MET A 32 8.35 -0.94 -5.14
C MET A 32 6.85 -1.01 -5.33
N GLU A 33 6.46 -1.12 -6.61
CA GLU A 33 5.06 -1.03 -6.96
C GLU A 33 4.38 -2.37 -6.73
N SER A 34 5.17 -3.45 -6.70
CA SER A 34 4.71 -4.81 -6.50
C SER A 34 5.88 -5.58 -5.92
N ASP A 35 5.69 -6.85 -5.61
CA ASP A 35 6.78 -7.62 -5.06
C ASP A 35 7.71 -8.15 -6.16
N LYS A 36 7.49 -7.78 -7.42
CA LYS A 36 8.30 -8.33 -8.50
C LYS A 36 9.58 -7.55 -8.79
N PHE A 37 9.58 -6.24 -8.52
CA PHE A 37 10.71 -5.39 -8.84
C PHE A 37 10.89 -4.30 -7.79
N ILE A 38 12.14 -3.85 -7.65
CA ILE A 38 12.49 -2.63 -6.96
C ILE A 38 13.28 -1.76 -7.93
N CYS A 39 12.93 -0.47 -8.07
CA CYS A 39 13.71 0.46 -8.87
C CYS A 39 14.33 1.52 -7.95
N ILE A 40 15.63 1.76 -8.11
CA ILE A 40 16.33 2.77 -7.35
C ILE A 40 16.98 3.76 -8.32
N ARG A 41 16.67 5.05 -8.14
CA ARG A 41 17.34 6.12 -8.86
C ARG A 41 18.63 6.48 -8.12
N GLU A 42 19.77 6.55 -8.84
CA GLU A 42 21.04 6.85 -8.21
C GLU A 42 21.85 7.73 -9.17
N LYS A 43 22.84 8.44 -8.65
N LYS A 43 22.82 8.46 -8.62
CA LYS A 43 23.73 9.24 -9.48
CA LYS A 43 23.75 9.26 -9.40
C LYS A 43 25.17 8.79 -9.22
C LYS A 43 25.14 8.71 -9.18
N VAL A 44 25.75 8.12 -10.22
CA VAL A 44 27.07 7.51 -10.14
C VAL A 44 27.95 8.19 -11.18
N GLY A 45 28.92 8.97 -10.71
CA GLY A 45 29.58 9.98 -11.53
C GLY A 45 28.67 11.19 -11.64
N GLU A 46 28.68 11.83 -12.81
CA GLU A 46 27.65 12.83 -13.11
C GLU A 46 26.46 12.19 -13.83
N GLN A 47 26.41 10.85 -13.97
N GLN A 47 26.42 10.85 -13.84
CA GLN A 47 25.34 10.23 -14.73
CA GLN A 47 25.42 10.08 -14.56
C GLN A 47 24.27 9.66 -13.79
C GLN A 47 24.26 9.71 -13.62
N ALA A 48 23.05 10.16 -13.96
CA ALA A 48 21.86 9.62 -13.31
C ALA A 48 21.52 8.26 -13.91
N GLN A 49 21.15 7.31 -13.05
CA GLN A 49 20.87 5.97 -13.49
C GLN A 49 19.67 5.46 -12.71
N VAL A 50 19.04 4.42 -13.26
CA VAL A 50 18.14 3.60 -12.46
C VAL A 50 18.69 2.19 -12.37
N VAL A 51 18.51 1.57 -11.20
CA VAL A 51 18.89 0.23 -10.88
C VAL A 51 17.58 -0.52 -10.75
N ILE A 52 17.45 -1.59 -11.53
CA ILE A 52 16.23 -2.36 -11.58
C ILE A 52 16.57 -3.72 -11.03
N ILE A 53 15.96 -4.05 -9.89
CA ILE A 53 16.17 -5.33 -9.26
C ILE A 53 14.97 -6.21 -9.53
N ASP A 54 15.24 -7.32 -10.23
CA ASP A 54 14.24 -8.33 -10.47
C ASP A 54 14.25 -9.23 -9.26
N MET A 55 13.11 -9.31 -8.56
CA MET A 55 13.11 -10.05 -7.31
C MET A 55 13.17 -11.56 -7.55
N ASN A 56 12.98 -12.01 -8.80
CA ASN A 56 13.22 -13.42 -9.10
C ASN A 56 14.69 -13.70 -9.41
N ASP A 57 15.50 -12.66 -9.59
CA ASP A 57 16.90 -12.83 -9.97
C ASP A 57 17.71 -11.67 -9.39
N PRO A 58 17.67 -11.49 -8.07
CA PRO A 58 18.02 -10.21 -7.46
C PRO A 58 19.52 -9.91 -7.44
N SER A 59 20.36 -10.91 -7.69
CA SER A 59 21.79 -10.69 -7.65
C SER A 59 22.28 -10.16 -8.99
N ASN A 60 21.42 -10.09 -10.01
CA ASN A 60 21.82 -9.58 -11.31
C ASN A 60 21.00 -8.35 -11.69
N PRO A 61 21.09 -7.24 -10.94
CA PRO A 61 20.35 -6.03 -11.32
C PRO A 61 20.88 -5.41 -12.60
N ILE A 62 20.00 -4.70 -13.28
CA ILE A 62 20.33 -3.94 -14.47
C ILE A 62 20.46 -2.47 -14.06
N ARG A 63 21.48 -1.80 -14.58
CA ARG A 63 21.59 -0.37 -14.41
C ARG A 63 21.54 0.32 -15.77
N ARG A 64 20.73 1.36 -15.87
CA ARG A 64 20.58 2.08 -17.11
C ARG A 64 20.61 3.56 -16.85
N PRO A 65 21.19 4.37 -17.79
CA PRO A 65 21.11 5.82 -17.70
C PRO A 65 19.66 6.32 -17.80
N ILE A 66 19.34 7.33 -17.00
CA ILE A 66 18.06 8.00 -17.10
C ILE A 66 18.26 9.49 -17.00
N SER A 67 17.22 10.23 -17.39
CA SER A 67 17.09 11.63 -17.03
C SER A 67 15.71 11.91 -16.42
N ALA A 68 15.20 10.95 -15.63
CA ALA A 68 13.84 11.06 -15.08
C ALA A 68 13.93 11.48 -13.62
N ASP A 69 12.90 12.18 -13.12
CA ASP A 69 12.80 12.53 -11.71
C ASP A 69 12.11 11.43 -10.92
N SER A 70 11.54 10.45 -11.61
CA SER A 70 10.82 9.37 -10.96
C SER A 70 10.71 8.19 -11.91
N ALA A 71 10.76 6.99 -11.39
CA ALA A 71 10.71 5.72 -12.14
C ALA A 71 9.87 4.72 -11.35
N ILE A 72 8.81 4.17 -11.97
CA ILE A 72 7.97 3.18 -11.32
C ILE A 72 7.72 2.00 -12.30
N MET A 73 8.02 0.80 -11.84
CA MET A 73 7.85 -0.40 -12.61
C MET A 73 6.40 -0.86 -12.53
N ASN A 74 5.88 -1.28 -13.68
CA ASN A 74 4.63 -1.98 -13.75
C ASN A 74 4.64 -3.10 -12.71
N PRO A 75 3.49 -3.37 -12.06
CA PRO A 75 3.39 -4.45 -11.08
C PRO A 75 3.64 -5.86 -11.61
N ALA A 76 3.48 -6.12 -12.93
CA ALA A 76 3.57 -7.50 -13.43
C ALA A 76 4.60 -7.71 -14.53
N SER A 77 5.03 -6.66 -15.20
CA SER A 77 5.82 -6.81 -16.41
C SER A 77 7.00 -5.85 -16.31
N LYS A 78 8.07 -6.15 -17.06
CA LYS A 78 9.24 -5.29 -17.09
C LYS A 78 8.98 -4.10 -18.01
N VAL A 79 8.01 -3.30 -17.59
CA VAL A 79 7.57 -2.09 -18.25
C VAL A 79 7.73 -0.98 -17.21
N ILE A 80 8.44 0.07 -17.59
CA ILE A 80 8.77 1.11 -16.65
C ILE A 80 8.13 2.41 -17.09
N ALA A 81 7.57 3.12 -16.10
CA ALA A 81 7.09 4.46 -16.29
C ALA A 81 8.10 5.45 -15.72
N LEU A 82 8.48 6.40 -16.57
CA LEU A 82 9.42 7.45 -16.21
C LEU A 82 8.81 8.81 -16.43
N LYS A 83 9.20 9.75 -15.57
CA LYS A 83 8.72 11.09 -15.81
C LYS A 83 9.79 12.12 -15.46
N ALA A 84 9.63 13.27 -16.09
CA ALA A 84 10.45 14.45 -15.86
C ALA A 84 9.55 15.68 -15.98
N GLY A 85 9.14 16.16 -14.80
CA GLY A 85 8.14 17.20 -14.64
C GLY A 85 6.80 16.81 -15.24
N LYS A 86 6.54 17.36 -16.44
CA LYS A 86 5.29 17.13 -17.16
C LYS A 86 5.39 16.01 -18.18
N THR A 87 6.62 15.56 -18.47
CA THR A 87 6.89 14.61 -19.53
C THR A 87 6.81 13.20 -18.95
N LEU A 88 5.90 12.37 -19.52
CA LEU A 88 5.68 10.99 -19.11
C LEU A 88 6.03 10.09 -20.27
N GLN A 89 6.77 9.03 -19.98
CA GLN A 89 7.12 8.02 -20.97
C GLN A 89 7.07 6.64 -20.36
N ILE A 90 6.58 5.68 -21.15
CA ILE A 90 6.46 4.29 -20.75
C ILE A 90 7.33 3.43 -21.68
N PHE A 91 8.23 2.62 -21.12
CA PHE A 91 9.09 1.78 -21.95
C PHE A 91 8.88 0.32 -21.62
N ASN A 92 8.87 -0.51 -22.68
CA ASN A 92 9.03 -1.94 -22.52
C ASN A 92 10.53 -2.23 -22.57
N ILE A 93 11.09 -2.65 -21.43
CA ILE A 93 12.53 -2.74 -21.29
C ILE A 93 13.14 -3.78 -22.23
N GLU A 94 12.54 -4.96 -22.28
CA GLU A 94 13.11 -6.06 -23.03
C GLU A 94 12.99 -5.75 -24.52
N MET A 95 11.96 -5.00 -24.93
CA MET A 95 11.79 -4.62 -26.33
C MET A 95 12.60 -3.39 -26.68
N LYS A 96 13.23 -2.76 -25.67
CA LYS A 96 13.91 -1.50 -25.80
C LYS A 96 13.06 -0.49 -26.54
N SER A 97 11.79 -0.36 -26.15
CA SER A 97 10.81 0.31 -26.98
C SER A 97 9.95 1.25 -26.13
N LYS A 98 9.79 2.48 -26.61
CA LYS A 98 8.88 3.43 -25.99
C LYS A 98 7.45 3.14 -26.41
N MET A 99 6.67 2.62 -25.47
N MET A 99 6.64 2.63 -25.48
CA MET A 99 5.31 2.21 -25.72
CA MET A 99 5.32 2.15 -25.81
C MET A 99 4.42 3.43 -25.92
C MET A 99 4.29 3.29 -25.76
N LYS A 100 4.58 4.38 -25.01
CA LYS A 100 3.63 5.48 -24.87
C LYS A 100 4.38 6.70 -24.33
N ALA A 101 3.87 7.88 -24.68
CA ALA A 101 4.36 9.14 -24.15
C ALA A 101 3.22 10.13 -24.05
N HIS A 102 3.33 11.04 -23.06
CA HIS A 102 2.34 12.08 -22.90
C HIS A 102 3.00 13.25 -22.20
N THR A 103 2.59 14.49 -22.57
CA THR A 103 3.05 15.64 -21.82
C THR A 103 1.84 16.24 -21.11
N MET A 104 1.90 16.33 -19.78
CA MET A 104 0.82 16.92 -19.00
C MET A 104 0.90 18.45 -19.03
N THR A 105 -0.22 19.10 -18.70
CA THR A 105 -0.31 20.54 -18.48
C THR A 105 0.46 20.93 -17.23
N ASP A 106 0.35 20.10 -16.18
CA ASP A 106 0.89 20.40 -14.86
C ASP A 106 1.84 19.27 -14.48
N ASP A 107 2.85 19.60 -13.68
CA ASP A 107 3.80 18.63 -13.15
C ASP A 107 3.04 17.52 -12.44
N VAL A 108 3.47 16.28 -12.68
CA VAL A 108 3.00 15.16 -11.89
C VAL A 108 3.86 15.05 -10.63
N THR A 109 3.26 15.28 -9.45
CA THR A 109 4.02 15.31 -8.20
C THR A 109 4.03 13.95 -7.52
N PHE A 110 3.09 13.06 -7.89
CA PHE A 110 3.06 11.72 -7.36
C PHE A 110 2.41 10.83 -8.42
N TRP A 111 2.85 9.58 -8.56
CA TRP A 111 2.18 8.65 -9.42
C TRP A 111 2.44 7.23 -8.94
N LYS A 112 1.54 6.33 -9.33
CA LYS A 112 1.59 4.94 -8.88
C LYS A 112 0.80 4.10 -9.84
N TRP A 113 1.26 2.87 -10.08
CA TRP A 113 0.44 1.92 -10.79
C TRP A 113 -0.70 1.48 -9.86
N ILE A 114 -1.95 1.52 -10.37
CA ILE A 114 -3.07 1.08 -9.56
C ILE A 114 -3.61 -0.25 -10.03
N SER A 115 -3.10 -0.78 -11.15
CA SER A 115 -3.52 -2.05 -11.69
C SER A 115 -2.40 -2.54 -12.61
N LEU A 116 -2.64 -3.67 -13.28
CA LEU A 116 -1.67 -4.21 -14.22
C LEU A 116 -1.50 -3.28 -15.39
N ASN A 117 -2.51 -2.44 -15.69
CA ASN A 117 -2.44 -1.72 -16.94
C ASN A 117 -2.77 -0.22 -16.83
N THR A 118 -2.90 0.29 -15.61
CA THR A 118 -3.27 1.70 -15.40
C THR A 118 -2.37 2.35 -14.36
N VAL A 119 -1.87 3.51 -14.76
CA VAL A 119 -1.06 4.39 -13.92
C VAL A 119 -1.92 5.55 -13.43
N ALA A 120 -1.85 5.89 -12.12
CA ALA A 120 -2.54 7.06 -11.61
C ALA A 120 -1.55 8.20 -11.50
N LEU A 121 -1.98 9.39 -11.90
CA LEU A 121 -1.18 10.60 -11.89
C LEU A 121 -1.80 11.67 -11.00
N VAL A 122 -0.99 12.22 -10.11
CA VAL A 122 -1.41 13.27 -9.22
C VAL A 122 -0.65 14.54 -9.54
N THR A 123 -1.41 15.61 -9.79
CA THR A 123 -0.84 16.93 -9.96
C THR A 123 -1.15 17.74 -8.70
N ASP A 124 -0.72 19.01 -8.71
CA ASP A 124 -1.11 19.88 -7.62
C ASP A 124 -2.64 20.07 -7.56
N ASN A 125 -3.35 19.86 -8.67
CA ASN A 125 -4.76 20.19 -8.76
C ASN A 125 -5.72 19.03 -9.03
N ALA A 126 -5.24 17.88 -9.50
CA ALA A 126 -6.16 16.82 -9.88
C ALA A 126 -5.49 15.47 -9.88
N VAL A 127 -6.34 14.46 -10.06
CA VAL A 127 -5.95 13.08 -10.23
C VAL A 127 -6.46 12.53 -11.55
N TYR A 128 -5.58 11.83 -12.28
CA TYR A 128 -5.88 11.24 -13.56
C TYR A 128 -5.57 9.74 -13.53
N HIS A 129 -6.24 8.98 -14.39
CA HIS A 129 -5.89 7.61 -14.66
C HIS A 129 -5.43 7.48 -16.10
N TRP A 130 -4.36 6.72 -16.32
CA TRP A 130 -3.81 6.53 -17.66
C TRP A 130 -3.67 5.05 -17.97
N SER A 131 -4.56 4.53 -18.83
CA SER A 131 -4.55 3.13 -19.25
C SER A 131 -3.45 2.93 -20.29
N MET A 132 -2.81 1.76 -20.26
CA MET A 132 -1.81 1.45 -21.24
C MET A 132 -2.44 0.84 -22.50
N GLU A 133 -3.77 0.65 -22.53
CA GLU A 133 -4.39 0.00 -23.67
C GLU A 133 -4.47 0.94 -24.86
N GLY A 134 -4.21 0.41 -26.06
CA GLY A 134 -4.37 1.18 -27.28
C GLY A 134 -3.68 2.54 -27.21
N GLU A 135 -4.41 3.57 -27.65
CA GLU A 135 -3.90 4.93 -27.72
C GLU A 135 -4.48 5.80 -26.62
N SER A 136 -4.99 5.17 -25.56
CA SER A 136 -5.51 5.91 -24.40
C SER A 136 -4.57 7.02 -23.92
N GLN A 137 -5.15 8.18 -23.62
CA GLN A 137 -4.46 9.25 -22.94
C GLN A 137 -4.95 9.34 -21.49
N PRO A 138 -4.25 10.08 -20.59
CA PRO A 138 -4.74 10.27 -19.21
C PRO A 138 -6.12 10.90 -19.17
N VAL A 139 -6.97 10.38 -18.30
CA VAL A 139 -8.32 10.85 -18.10
C VAL A 139 -8.41 11.41 -16.69
N LYS A 140 -8.91 12.65 -16.55
CA LYS A 140 -9.04 13.22 -15.23
C LYS A 140 -10.16 12.51 -14.49
N MET A 141 -9.85 12.08 -13.25
CA MET A 141 -10.82 11.42 -12.40
C MET A 141 -11.52 12.43 -11.50
N PHE A 142 -10.77 13.32 -10.85
CA PHE A 142 -11.33 14.23 -9.89
C PHE A 142 -10.33 15.34 -9.63
N ASP A 143 -10.88 16.48 -9.20
CA ASP A 143 -10.12 17.58 -8.69
C ASP A 143 -9.83 17.37 -7.20
N ARG A 144 -8.60 17.73 -6.85
CA ARG A 144 -8.13 17.65 -5.48
C ARG A 144 -8.88 18.58 -4.54
N HIS A 145 -9.18 18.05 -3.36
CA HIS A 145 -9.93 18.75 -2.32
C HIS A 145 -8.98 19.68 -1.59
N SER A 146 -9.50 20.86 -1.15
CA SER A 146 -8.62 21.87 -0.58
C SER A 146 -7.96 21.40 0.72
N SER A 147 -8.53 20.41 1.39
CA SER A 147 -7.92 19.91 2.61
C SER A 147 -6.58 19.20 2.35
N LEU A 148 -6.23 18.85 1.10
CA LEU A 148 -4.92 18.24 0.84
C LEU A 148 -3.93 19.29 0.35
N ALA A 149 -4.32 20.57 0.37
CA ALA A 149 -3.41 21.57 -0.18
C ALA A 149 -2.17 21.66 0.72
N GLY A 150 -1.01 21.72 0.11
CA GLY A 150 0.23 21.82 0.86
C GLY A 150 0.69 20.49 1.47
N CYS A 151 -0.07 19.41 1.30
CA CYS A 151 0.32 18.11 1.83
C CYS A 151 1.39 17.48 0.97
N GLN A 152 2.26 16.68 1.61
CA GLN A 152 3.05 15.70 0.89
C GLN A 152 2.15 14.52 0.52
N ILE A 153 1.98 14.25 -0.76
CA ILE A 153 1.18 13.11 -1.20
C ILE A 153 1.99 11.83 -1.00
N ILE A 154 1.41 10.88 -0.28
CA ILE A 154 2.10 9.66 0.06
C ILE A 154 1.46 8.44 -0.53
N ASN A 155 0.19 8.48 -0.94
CA ASN A 155 -0.41 7.27 -1.47
C ASN A 155 -1.63 7.65 -2.32
N TYR A 156 -1.99 6.71 -3.16
CA TYR A 156 -3.21 6.74 -3.97
C TYR A 156 -3.59 5.31 -4.21
N ARG A 157 -4.85 4.98 -3.91
CA ARG A 157 -5.32 3.66 -4.23
C ARG A 157 -6.82 3.64 -4.51
N THR A 158 -7.24 2.49 -5.03
CA THR A 158 -8.60 2.33 -5.48
C THR A 158 -9.13 0.97 -5.02
N ASP A 159 -10.46 0.84 -5.07
CA ASP A 159 -11.05 -0.46 -5.01
C ASP A 159 -10.83 -1.23 -6.31
N ALA A 160 -11.18 -2.50 -6.28
CA ALA A 160 -10.91 -3.41 -7.39
C ALA A 160 -11.59 -2.94 -8.68
N LYS A 161 -12.78 -2.37 -8.53
CA LYS A 161 -13.56 -1.93 -9.68
C LYS A 161 -13.29 -0.48 -10.07
N GLN A 162 -12.35 0.18 -9.40
CA GLN A 162 -11.98 1.56 -9.69
C GLN A 162 -13.19 2.49 -9.68
N LYS A 163 -14.09 2.26 -8.73
CA LYS A 163 -15.23 3.12 -8.50
C LYS A 163 -15.06 3.96 -7.23
N TRP A 164 -14.08 3.60 -6.37
CA TRP A 164 -13.81 4.36 -5.15
C TRP A 164 -12.30 4.65 -5.15
N LEU A 165 -11.96 5.92 -5.06
CA LEU A 165 -10.59 6.38 -5.25
C LEU A 165 -10.17 7.11 -3.98
N LEU A 166 -8.92 6.97 -3.56
CA LEU A 166 -8.49 7.50 -2.29
C LEU A 166 -7.09 8.10 -2.44
N LEU A 167 -6.98 9.42 -2.22
CA LEU A 167 -5.73 10.15 -2.24
C LEU A 167 -5.38 10.51 -0.80
N THR A 168 -4.12 10.29 -0.42
CA THR A 168 -3.64 10.52 0.94
C THR A 168 -2.43 11.43 0.97
N GLY A 169 -2.52 12.50 1.79
CA GLY A 169 -1.37 13.35 2.05
C GLY A 169 -1.15 13.54 3.54
N ILE A 170 0.04 14.05 3.88
CA ILE A 170 0.38 14.37 5.25
C ILE A 170 1.01 15.76 5.31
N SER A 171 0.96 16.32 6.51
CA SER A 171 1.60 17.59 6.82
C SER A 171 1.76 17.68 8.33
N ALA A 172 2.56 18.66 8.80
CA ALA A 172 2.75 18.88 10.22
C ALA A 172 1.77 19.96 10.68
N GLN A 173 0.98 19.64 11.69
CA GLN A 173 0.02 20.59 12.26
C GLN A 173 0.08 20.42 13.78
N GLN A 174 0.35 21.51 14.48
CA GLN A 174 0.44 21.52 15.94
C GLN A 174 1.43 20.47 16.40
N ASN A 175 2.56 20.41 15.72
CA ASN A 175 3.65 19.50 16.05
C ASN A 175 3.21 18.03 15.97
N ARG A 176 2.28 17.67 15.08
CA ARG A 176 2.11 16.25 14.83
C ARG A 176 1.88 16.05 13.34
N VAL A 177 2.06 14.80 12.91
CA VAL A 177 1.91 14.47 11.50
C VAL A 177 0.43 14.14 11.30
N VAL A 178 -0.26 14.99 10.55
CA VAL A 178 -1.67 14.84 10.35
C VAL A 178 -1.91 14.30 8.94
N GLY A 179 -2.77 13.29 8.88
CA GLY A 179 -3.11 12.70 7.59
C GLY A 179 -4.41 13.31 7.06
N ALA A 180 -4.39 13.63 5.77
CA ALA A 180 -5.58 14.10 5.07
C ALA A 180 -5.85 13.22 3.86
N MET A 181 -7.06 12.66 3.82
CA MET A 181 -7.47 11.79 2.74
C MET A 181 -8.61 12.45 1.99
N GLN A 182 -8.68 12.10 0.71
CA GLN A 182 -9.81 12.44 -0.13
C GLN A 182 -10.34 11.15 -0.73
N LEU A 183 -11.55 10.80 -0.30
CA LEU A 183 -12.27 9.69 -0.85
C LEU A 183 -13.20 10.23 -1.91
N TYR A 184 -13.16 9.59 -3.06
CA TYR A 184 -13.96 9.96 -4.21
C TYR A 184 -14.74 8.79 -4.74
N SER A 185 -16.04 9.07 -4.99
CA SER A 185 -16.96 8.13 -5.60
C SER A 185 -17.11 8.45 -7.08
N VAL A 186 -16.71 7.49 -7.93
CA VAL A 186 -16.80 7.63 -9.37
C VAL A 186 -18.27 7.71 -9.76
N ASP A 187 -19.12 6.94 -9.10
CA ASP A 187 -20.52 6.86 -9.55
C ASP A 187 -21.29 8.11 -9.15
N ARG A 188 -20.93 8.69 -8.00
CA ARG A 188 -21.61 9.88 -7.50
C ARG A 188 -20.93 11.18 -7.93
N LYS A 189 -19.63 11.10 -8.24
CA LYS A 189 -18.83 12.27 -8.56
C LYS A 189 -18.82 13.24 -7.38
N VAL A 190 -18.57 12.71 -6.19
CA VAL A 190 -18.51 13.49 -4.98
C VAL A 190 -17.27 13.03 -4.20
N SER A 191 -16.64 13.99 -3.52
CA SER A 191 -15.52 13.71 -2.61
C SER A 191 -15.94 13.86 -1.17
N GLN A 192 -15.23 13.17 -0.28
CA GLN A 192 -15.36 13.39 1.15
C GLN A 192 -13.96 13.49 1.75
N PRO A 193 -13.65 14.57 2.48
CA PRO A 193 -12.38 14.70 3.18
C PRO A 193 -12.44 13.90 4.46
N ILE A 194 -11.39 13.10 4.72
CA ILE A 194 -11.36 12.28 5.92
C ILE A 194 -9.97 12.42 6.54
N GLU A 195 -9.90 12.54 7.86
CA GLU A 195 -8.60 12.48 8.52
C GLU A 195 -8.16 11.02 8.57
N GLY A 196 -7.01 10.71 7.99
CA GLY A 196 -6.51 9.34 7.99
C GLY A 196 -5.07 9.29 7.51
N HIS A 197 -4.36 8.25 7.95
CA HIS A 197 -2.94 8.10 7.66
C HIS A 197 -2.62 6.99 6.67
N ALA A 198 -3.33 5.86 6.73
CA ALA A 198 -3.07 4.75 5.83
C ALA A 198 -4.37 3.99 5.60
N ALA A 199 -4.53 3.43 4.41
CA ALA A 199 -5.77 2.77 4.05
C ALA A 199 -5.59 1.76 2.93
N SER A 200 -6.65 0.97 2.76
CA SER A 200 -6.76 -0.01 1.71
C SER A 200 -8.24 -0.29 1.49
N PHE A 201 -8.60 -0.70 0.26
CA PHE A 201 -9.90 -1.29 0.00
C PHE A 201 -9.75 -2.79 0.10
N ALA A 202 -10.86 -3.49 0.23
CA ALA A 202 -10.86 -4.93 0.17
C ALA A 202 -12.25 -5.41 -0.27
N GLN A 203 -12.27 -6.58 -0.91
CA GLN A 203 -13.49 -7.31 -1.21
C GLN A 203 -13.69 -8.34 -0.09
N PHE A 204 -14.91 -8.43 0.42
CA PHE A 204 -15.22 -9.36 1.49
C PHE A 204 -16.65 -9.89 1.35
N LYS A 205 -16.78 -11.21 1.29
CA LYS A 205 -18.12 -11.77 1.14
C LYS A 205 -18.57 -12.24 2.51
N MET A 206 -19.56 -11.54 3.03
CA MET A 206 -20.19 -11.88 4.30
C MET A 206 -20.94 -13.19 4.13
N GLU A 207 -20.89 -14.01 5.18
CA GLU A 207 -21.74 -15.19 5.23
C GLU A 207 -23.19 -14.80 4.99
N GLY A 208 -23.87 -15.55 4.11
CA GLY A 208 -25.26 -15.29 3.80
C GLY A 208 -25.47 -14.34 2.63
N ASN A 209 -24.41 -13.69 2.14
CA ASN A 209 -24.54 -12.73 1.06
C ASN A 209 -24.13 -13.42 -0.23
N ALA A 210 -24.84 -13.13 -1.33
CA ALA A 210 -24.48 -13.70 -2.61
C ALA A 210 -23.27 -12.98 -3.22
N GLU A 211 -23.12 -11.69 -2.89
CA GLU A 211 -22.07 -10.88 -3.49
C GLU A 211 -21.08 -10.37 -2.44
N GLU A 212 -19.87 -10.08 -2.91
CA GLU A 212 -18.83 -9.43 -2.15
C GLU A 212 -19.29 -8.04 -1.79
N SER A 213 -18.94 -7.61 -0.58
CA SER A 213 -19.01 -6.23 -0.14
C SER A 213 -17.69 -5.56 -0.52
N THR A 214 -17.73 -4.29 -0.90
CA THR A 214 -16.52 -3.49 -1.02
C THR A 214 -16.27 -2.71 0.26
N LEU A 215 -15.14 -3.00 0.92
CA LEU A 215 -14.84 -2.37 2.19
C LEU A 215 -13.71 -1.35 2.05
N PHE A 216 -13.86 -0.24 2.77
CA PHE A 216 -12.83 0.76 2.96
C PHE A 216 -12.29 0.64 4.37
N CYS A 217 -10.97 0.45 4.50
CA CYS A 217 -10.33 0.30 5.81
C CYS A 217 -9.28 1.40 5.93
N PHE A 218 -9.34 2.19 6.99
CA PHE A 218 -8.26 3.15 7.17
C PHE A 218 -7.93 3.25 8.64
N ALA A 219 -6.68 3.62 8.89
CA ALA A 219 -6.18 3.86 10.22
C ALA A 219 -5.73 5.30 10.32
N VAL A 220 -5.91 5.85 11.52
CA VAL A 220 -5.58 7.22 11.75
C VAL A 220 -5.11 7.34 13.19
N ARG A 221 -4.11 8.19 13.38
CA ARG A 221 -3.84 8.72 14.71
C ARG A 221 -4.38 10.15 14.72
N GLY A 222 -5.52 10.33 15.37
CA GLY A 222 -6.14 11.64 15.52
C GLY A 222 -5.69 12.29 16.83
N GLN A 223 -6.19 13.50 17.10
CA GLN A 223 -5.85 14.17 18.36
C GLN A 223 -6.18 13.29 19.57
N ALA A 224 -7.32 12.58 19.50
CA ALA A 224 -7.87 11.77 20.58
C ALA A 224 -7.35 10.32 20.59
N GLY A 225 -6.44 9.96 19.69
CA GLY A 225 -5.82 8.65 19.67
C GLY A 225 -6.00 7.89 18.35
N GLY A 226 -5.54 6.66 18.37
CA GLY A 226 -5.47 5.83 17.18
C GLY A 226 -6.78 5.12 16.96
N LYS A 227 -7.22 5.07 15.70
CA LYS A 227 -8.44 4.36 15.37
C LYS A 227 -8.26 3.64 14.03
N LEU A 228 -8.92 2.50 13.93
CA LEU A 228 -9.05 1.75 12.70
C LEU A 228 -10.53 1.63 12.35
N HIS A 229 -10.86 2.00 11.11
CA HIS A 229 -12.24 1.96 10.67
C HIS A 229 -12.35 0.99 9.51
N ILE A 230 -13.41 0.18 9.52
CA ILE A 230 -13.72 -0.72 8.41
C ILE A 230 -15.18 -0.45 8.06
N ILE A 231 -15.39 0.01 6.84
CA ILE A 231 -16.74 0.44 6.46
C ILE A 231 -17.02 0.11 5.00
N GLU A 232 -18.28 -0.27 4.75
CA GLU A 232 -18.74 -0.58 3.41
C GLU A 232 -18.87 0.72 2.66
N VAL A 233 -18.41 0.75 1.42
CA VAL A 233 -18.64 1.94 0.59
C VAL A 233 -19.72 1.59 -0.41
N GLY A 234 -20.71 2.49 -0.48
CA GLY A 234 -21.78 2.32 -1.44
C GLY A 234 -22.92 1.48 -0.90
N THR A 235 -24.03 1.50 -1.64
CA THR A 235 -25.19 0.68 -1.27
C THR A 235 -24.82 -0.77 -1.47
N PRO A 236 -25.19 -1.66 -0.53
CA PRO A 236 -24.93 -3.10 -0.69
C PRO A 236 -25.48 -3.65 -2.02
N PRO A 237 -24.73 -4.53 -2.71
CA PRO A 237 -25.27 -5.26 -3.86
C PRO A 237 -26.68 -5.74 -3.54
N THR A 238 -27.62 -5.66 -4.50
CA THR A 238 -28.98 -6.07 -4.15
C THR A 238 -28.93 -7.55 -3.72
N GLY A 239 -29.69 -7.91 -2.69
CA GLY A 239 -29.57 -9.24 -2.13
C GLY A 239 -28.81 -9.24 -0.80
N ASN A 240 -27.77 -8.39 -0.67
CA ASN A 240 -26.85 -8.44 0.45
C ASN A 240 -27.39 -7.77 1.69
N GLN A 241 -27.02 -8.31 2.84
CA GLN A 241 -27.03 -7.57 4.06
C GLN A 241 -25.87 -6.59 4.02
N PRO A 242 -26.05 -5.40 4.59
CA PRO A 242 -24.96 -4.44 4.73
C PRO A 242 -23.89 -4.95 5.71
N PHE A 243 -22.64 -4.60 5.42
CA PHE A 243 -21.55 -4.88 6.34
C PHE A 243 -21.60 -3.90 7.51
N PRO A 244 -21.72 -4.36 8.75
CA PRO A 244 -21.76 -3.44 9.87
C PRO A 244 -20.37 -2.80 10.09
N LYS A 245 -20.37 -1.49 10.20
CA LYS A 245 -19.16 -0.70 10.26
C LYS A 245 -18.44 -1.01 11.58
N LYS A 246 -17.12 -1.06 11.52
CA LYS A 246 -16.32 -1.30 12.71
C LYS A 246 -15.41 -0.10 12.93
N ALA A 247 -15.22 0.23 14.21
CA ALA A 247 -14.26 1.24 14.62
C ALA A 247 -13.54 0.71 15.87
N VAL A 248 -12.24 0.48 15.75
CA VAL A 248 -11.50 -0.10 16.87
C VAL A 248 -10.31 0.79 17.18
N ASP A 249 -9.78 0.61 18.38
CA ASP A 249 -8.61 1.37 18.77
C ASP A 249 -7.38 0.83 18.05
N VAL A 250 -6.44 1.73 17.82
CA VAL A 250 -5.11 1.42 17.36
C VAL A 250 -4.19 1.90 18.47
N PHE A 251 -3.52 0.94 19.11
CA PHE A 251 -2.71 1.20 20.29
C PHE A 251 -1.36 1.80 19.89
N PHE A 252 -0.98 2.86 20.59
CA PHE A 252 0.39 3.33 20.58
C PHE A 252 0.91 3.40 22.02
N PRO A 253 2.08 2.79 22.29
CA PRO A 253 2.62 2.77 23.65
C PRO A 253 3.04 4.18 24.07
N PRO A 254 3.16 4.44 25.39
CA PRO A 254 3.43 5.80 25.84
C PRO A 254 4.74 6.38 25.28
N GLU A 255 5.74 5.53 25.02
CA GLU A 255 7.01 6.02 24.48
C GLU A 255 6.96 6.27 22.97
N ALA A 256 5.81 5.97 22.33
CA ALA A 256 5.65 6.24 20.89
C ALA A 256 4.63 7.33 20.64
N GLN A 257 4.79 8.48 21.32
CA GLN A 257 3.79 9.54 21.27
C GLN A 257 3.76 10.18 19.88
N ASN A 258 4.83 10.00 19.09
CA ASN A 258 4.92 10.63 17.78
C ASN A 258 4.75 9.64 16.63
N ASP A 259 4.41 8.38 16.93
CA ASP A 259 4.25 7.39 15.88
C ASP A 259 2.88 7.55 15.22
N PHE A 260 2.74 6.97 14.04
CA PHE A 260 1.48 7.00 13.32
C PHE A 260 1.51 5.97 12.23
N PRO A 261 0.33 5.53 11.71
CA PRO A 261 0.32 4.51 10.66
C PRO A 261 0.91 5.02 9.36
N VAL A 262 1.70 4.16 8.63
CA VAL A 262 2.29 4.56 7.36
C VAL A 262 1.88 3.62 6.23
N ALA A 263 1.51 2.38 6.52
CA ALA A 263 1.23 1.43 5.43
C ALA A 263 0.15 0.46 5.89
N MET A 264 -0.66 0.03 4.92
CA MET A 264 -1.68 -0.96 5.15
C MET A 264 -1.76 -1.85 3.94
N GLN A 265 -1.86 -3.16 4.18
CA GLN A 265 -2.18 -4.11 3.14
C GLN A 265 -3.16 -5.10 3.75
N ILE A 266 -4.11 -5.56 2.94
CA ILE A 266 -5.11 -6.50 3.39
C ILE A 266 -4.90 -7.81 2.63
N SER A 267 -4.87 -8.91 3.37
CA SER A 267 -4.88 -10.24 2.79
C SER A 267 -6.32 -10.67 2.59
N GLU A 268 -6.74 -10.90 1.35
CA GLU A 268 -8.07 -11.44 1.14
C GLU A 268 -8.04 -12.98 1.24
N LYS A 269 -6.86 -13.60 1.26
CA LYS A 269 -6.77 -15.01 1.57
C LYS A 269 -7.13 -15.28 3.04
N HIS A 270 -6.68 -14.41 3.96
CA HIS A 270 -6.90 -14.63 5.38
C HIS A 270 -7.89 -13.64 5.99
N ASP A 271 -8.33 -12.62 5.24
CA ASP A 271 -9.21 -11.58 5.75
C ASP A 271 -8.62 -10.92 6.98
N VAL A 272 -7.38 -10.49 6.83
CA VAL A 272 -6.65 -9.79 7.87
C VAL A 272 -6.05 -8.51 7.29
N VAL A 273 -5.92 -7.54 8.14
CA VAL A 273 -5.30 -6.27 7.81
C VAL A 273 -3.92 -6.22 8.44
N PHE A 274 -2.91 -5.94 7.64
CA PHE A 274 -1.59 -5.61 8.16
C PHE A 274 -1.45 -4.08 8.18
N LEU A 275 -1.06 -3.55 9.33
CA LEU A 275 -0.77 -2.14 9.51
C LEU A 275 0.67 -2.00 9.98
N ILE A 276 1.43 -1.16 9.29
CA ILE A 276 2.76 -0.81 9.77
C ILE A 276 2.80 0.67 10.15
N THR A 277 3.47 0.97 11.28
CA THR A 277 3.65 2.34 11.76
C THR A 277 5.00 2.88 11.28
N LYS A 278 5.08 4.20 11.31
CA LYS A 278 6.26 4.95 10.93
C LYS A 278 7.52 4.45 11.61
N TYR A 279 7.45 4.22 12.92
CA TYR A 279 8.64 3.88 13.69
C TYR A 279 8.75 2.38 13.95
N GLY A 280 8.05 1.56 13.13
CA GLY A 280 8.45 0.17 12.90
C GLY A 280 7.58 -0.87 13.59
N TYR A 281 6.38 -0.48 14.06
CA TYR A 281 5.47 -1.46 14.63
C TYR A 281 4.64 -2.13 13.52
N ILE A 282 4.31 -3.41 13.75
CA ILE A 282 3.41 -4.15 12.88
C ILE A 282 2.19 -4.48 13.74
N HIS A 283 0.99 -4.31 13.16
CA HIS A 283 -0.23 -4.71 13.81
C HIS A 283 -0.98 -5.62 12.83
N LEU A 284 -1.68 -6.62 13.37
CA LEU A 284 -2.57 -7.48 12.59
C LEU A 284 -3.98 -7.37 13.15
N TYR A 285 -4.95 -7.13 12.27
CA TYR A 285 -6.35 -7.02 12.67
C TYR A 285 -7.19 -7.96 11.82
N ASP A 286 -8.28 -8.47 12.41
CA ASP A 286 -9.22 -9.24 11.64
C ASP A 286 -10.06 -8.26 10.82
N LEU A 287 -10.23 -8.50 9.53
CA LEU A 287 -10.94 -7.57 8.63
C LEU A 287 -12.43 -7.52 8.98
N GLU A 288 -12.97 -8.65 9.43
CA GLU A 288 -14.41 -8.77 9.65
C GLU A 288 -14.84 -7.99 10.89
N THR A 289 -14.11 -8.14 12.00
CA THR A 289 -14.47 -7.54 13.28
C THR A 289 -13.59 -6.38 13.68
N GLY A 290 -12.39 -6.25 13.08
CA GLY A 290 -11.46 -5.26 13.58
C GLY A 290 -10.69 -5.70 14.83
N THR A 291 -10.92 -6.92 15.30
CA THR A 291 -10.19 -7.40 16.48
C THR A 291 -8.70 -7.36 16.21
N CYS A 292 -7.93 -6.82 17.17
CA CYS A 292 -6.48 -6.78 17.09
C CYS A 292 -5.94 -8.16 17.47
N ILE A 293 -5.29 -8.82 16.51
CA ILE A 293 -4.74 -10.13 16.72
C ILE A 293 -3.33 -10.04 17.31
N TYR A 294 -2.54 -9.06 16.89
CA TYR A 294 -1.11 -9.12 17.16
C TYR A 294 -0.49 -7.74 16.99
N MET A 295 0.40 -7.35 17.91
CA MET A 295 1.22 -6.18 17.66
C MET A 295 2.65 -6.50 18.06
N ASN A 296 3.62 -6.03 17.27
CA ASN A 296 5.01 -6.12 17.71
C ASN A 296 5.85 -5.06 17.01
N ARG A 297 7.01 -4.77 17.60
CA ARG A 297 7.92 -3.83 16.99
C ARG A 297 8.84 -4.65 16.11
N ILE A 298 8.84 -4.40 14.81
CA ILE A 298 9.80 -5.11 13.98
C ILE A 298 11.18 -4.64 14.43
N SER A 299 11.37 -3.31 14.38
CA SER A 299 12.64 -2.67 14.72
C SER A 299 12.44 -1.16 14.92
N GLY A 300 13.57 -0.43 14.96
CA GLY A 300 13.56 1.01 15.04
C GLY A 300 13.51 1.70 13.66
N GLU A 301 13.70 0.94 12.57
CA GLU A 301 13.86 1.51 11.23
C GLU A 301 12.52 1.80 10.53
N THR A 302 12.41 2.96 9.85
CA THR A 302 11.17 3.29 9.13
C THR A 302 11.07 2.45 7.85
N ILE A 303 9.92 1.75 7.69
CA ILE A 303 9.54 1.08 6.47
C ILE A 303 8.75 2.10 5.67
N PHE A 304 9.26 2.49 4.50
CA PHE A 304 8.74 3.66 3.82
C PHE A 304 7.94 3.26 2.56
N VAL A 305 8.00 1.99 2.18
CA VAL A 305 7.27 1.53 1.00
C VAL A 305 6.87 0.08 1.25
N THR A 306 5.67 -0.29 0.80
CA THR A 306 5.18 -1.64 0.92
C THR A 306 4.39 -2.01 -0.31
N ALA A 307 4.14 -3.31 -0.43
CA ALA A 307 3.31 -3.86 -1.48
C ALA A 307 2.72 -5.15 -0.97
N PRO A 308 1.67 -5.68 -1.64
CA PRO A 308 1.20 -7.03 -1.34
C PRO A 308 2.30 -8.02 -1.67
N HIS A 309 2.46 -9.01 -0.80
CA HIS A 309 3.36 -10.14 -1.03
C HIS A 309 2.53 -11.32 -1.52
N GLU A 310 2.63 -11.58 -2.82
CA GLU A 310 1.65 -12.40 -3.50
C GLU A 310 1.73 -13.85 -3.04
N ALA A 311 2.96 -14.35 -2.90
CA ALA A 311 3.20 -15.74 -2.55
C ALA A 311 2.54 -16.09 -1.22
N THR A 312 2.49 -15.14 -0.27
CA THR A 312 2.03 -15.49 1.07
C THR A 312 0.75 -14.74 1.42
N ALA A 313 0.20 -13.97 0.47
CA ALA A 313 -0.86 -13.01 0.73
C ALA A 313 -0.54 -12.21 2.00
N GLY A 314 0.70 -11.72 2.07
CA GLY A 314 1.16 -10.92 3.17
C GLY A 314 1.51 -9.53 2.67
N ILE A 315 2.47 -8.91 3.37
CA ILE A 315 2.98 -7.59 3.09
C ILE A 315 4.49 -7.66 2.95
N ILE A 316 5.03 -6.98 1.92
CA ILE A 316 6.47 -6.85 1.74
C ILE A 316 6.82 -5.37 1.75
N GLY A 317 7.96 -5.06 2.38
CA GLY A 317 8.37 -3.68 2.53
C GLY A 317 9.89 -3.53 2.45
N VAL A 318 10.31 -2.28 2.30
CA VAL A 318 11.71 -1.89 2.35
C VAL A 318 11.89 -0.87 3.47
N ASN A 319 12.94 -1.04 4.30
CA ASN A 319 13.22 -0.03 5.29
C ASN A 319 14.46 0.77 4.89
N ARG A 320 14.69 1.89 5.57
CA ARG A 320 15.80 2.82 5.19
C ARG A 320 17.18 2.18 5.13
N LYS A 321 17.33 0.99 5.72
CA LYS A 321 18.62 0.34 5.73
C LYS A 321 18.74 -0.45 4.41
N GLY A 322 17.61 -0.71 3.73
CA GLY A 322 17.60 -1.51 2.51
C GLY A 322 17.31 -2.98 2.74
N GLN A 323 16.85 -3.32 3.94
CA GLN A 323 16.27 -4.61 4.18
C GLN A 323 14.90 -4.73 3.51
N VAL A 324 14.77 -5.76 2.70
CA VAL A 324 13.50 -6.12 2.09
C VAL A 324 12.92 -7.24 2.94
N LEU A 325 11.75 -6.97 3.54
N LEU A 325 11.75 -6.95 3.56
CA LEU A 325 11.20 -7.86 4.54
CA LEU A 325 11.18 -7.80 4.60
C LEU A 325 9.71 -8.07 4.26
C LEU A 325 9.71 -8.06 4.27
N SER A 326 9.27 -9.30 4.51
CA SER A 326 7.85 -9.63 4.40
C SER A 326 7.34 -10.13 5.74
N VAL A 327 6.03 -9.95 5.89
CA VAL A 327 5.28 -10.47 7.02
C VAL A 327 4.03 -11.12 6.42
N CYS A 328 3.73 -12.33 6.87
CA CYS A 328 2.48 -12.97 6.48
C CYS A 328 1.90 -13.72 7.69
N VAL A 329 0.63 -14.17 7.54
CA VAL A 329 0.00 -15.05 8.51
C VAL A 329 0.79 -16.35 8.54
N GLU A 330 1.08 -16.81 9.75
CA GLU A 330 1.63 -18.14 9.95
C GLU A 330 0.47 -19.11 10.06
N GLU A 331 0.19 -19.83 8.99
CA GLU A 331 -1.05 -20.58 8.82
C GLU A 331 -1.19 -21.69 9.86
N GLU A 332 -0.09 -22.19 10.39
CA GLU A 332 -0.19 -23.30 11.32
C GLU A 332 -0.35 -22.80 12.76
N ASN A 333 -0.04 -21.52 13.01
CA ASN A 333 -0.01 -21.00 14.35
C ASN A 333 -1.18 -20.08 14.65
N ILE A 334 -1.78 -19.45 13.63
CA ILE A 334 -2.60 -18.30 13.97
C ILE A 334 -3.81 -18.72 14.81
N ILE A 335 -4.42 -19.87 14.51
CA ILE A 335 -5.63 -20.26 15.19
C ILE A 335 -5.33 -20.61 16.66
N PRO A 336 -4.34 -21.46 16.97
CA PRO A 336 -3.98 -21.68 18.37
C PRO A 336 -3.50 -20.45 19.11
N TYR A 337 -2.83 -19.53 18.40
CA TYR A 337 -2.46 -18.26 19.00
C TYR A 337 -3.71 -17.53 19.49
N ILE A 338 -4.72 -17.44 18.61
CA ILE A 338 -5.88 -16.67 18.97
C ILE A 338 -6.60 -17.35 20.15
N THR A 339 -6.63 -18.68 20.13
CA THR A 339 -7.33 -19.41 21.18
C THR A 339 -6.59 -19.29 22.52
N ASN A 340 -5.28 -19.56 22.47
CA ASN A 340 -4.49 -19.76 23.68
C ASN A 340 -3.90 -18.45 24.20
N VAL A 341 -3.36 -17.57 23.32
CA VAL A 341 -2.71 -16.38 23.79
C VAL A 341 -3.70 -15.23 23.94
N LEU A 342 -4.60 -15.02 22.96
CA LEU A 342 -5.62 -13.99 23.05
C LEU A 342 -6.81 -14.46 23.87
N GLN A 343 -6.93 -15.77 24.06
CA GLN A 343 -8.06 -16.30 24.81
C GLN A 343 -9.35 -15.87 24.12
N ASN A 344 -9.33 -16.00 22.78
CA ASN A 344 -10.50 -15.63 22.00
C ASN A 344 -10.92 -16.84 21.18
N PRO A 345 -11.49 -17.92 21.77
CA PRO A 345 -11.95 -19.05 20.96
C PRO A 345 -12.99 -18.69 19.93
N ASP A 346 -13.82 -17.67 20.19
N ASP A 346 -13.82 -17.68 20.22
CA ASP A 346 -14.85 -17.30 19.23
CA ASP A 346 -14.84 -17.25 19.28
C ASP A 346 -14.23 -16.79 17.93
C ASP A 346 -14.19 -16.84 17.95
N LEU A 347 -13.23 -15.90 18.04
CA LEU A 347 -12.52 -15.42 16.86
C LEU A 347 -11.77 -16.57 16.21
N ALA A 348 -11.10 -17.41 17.00
CA ALA A 348 -10.33 -18.54 16.48
C ALA A 348 -11.18 -19.47 15.64
N LEU A 349 -12.36 -19.84 16.15
CA LEU A 349 -13.25 -20.73 15.44
C LEU A 349 -13.76 -20.12 14.14
N ARG A 350 -14.13 -18.85 14.20
CA ARG A 350 -14.60 -18.17 13.01
C ARG A 350 -13.53 -18.15 11.92
N MET A 351 -12.31 -17.74 12.28
CA MET A 351 -11.24 -17.64 11.29
C MET A 351 -10.86 -19.02 10.75
N ALA A 352 -10.91 -20.04 11.60
CA ALA A 352 -10.57 -21.38 11.16
C ALA A 352 -11.47 -21.82 10.01
N VAL A 353 -12.77 -21.63 10.17
CA VAL A 353 -13.72 -22.08 9.16
C VAL A 353 -13.75 -21.09 8.00
N ARG A 354 -13.66 -19.80 8.30
CA ARG A 354 -13.80 -18.76 7.28
C ARG A 354 -12.68 -18.90 6.27
N ASN A 355 -11.46 -19.17 6.75
CA ASN A 355 -10.28 -19.10 5.92
C ASN A 355 -9.63 -20.48 5.80
N ASN A 356 -10.33 -21.54 6.25
CA ASN A 356 -9.91 -22.92 6.00
C ASN A 356 -8.54 -23.16 6.61
N LEU A 357 -8.41 -22.85 7.90
CA LEU A 357 -7.15 -22.98 8.62
C LEU A 357 -7.33 -24.05 9.68
N ALA A 358 -6.22 -24.70 10.03
CA ALA A 358 -6.26 -25.75 11.02
C ALA A 358 -6.07 -25.14 12.39
N GLY A 359 -6.51 -25.85 13.44
CA GLY A 359 -6.16 -25.53 14.81
C GLY A 359 -7.36 -25.36 15.70
N ALA A 360 -8.59 -25.36 15.15
CA ALA A 360 -9.77 -25.08 15.98
C ALA A 360 -10.54 -26.37 16.28
N GLU A 361 -9.88 -27.50 16.01
CA GLU A 361 -10.31 -28.81 16.47
C GLU A 361 -10.34 -28.85 18.01
N GLU A 362 -9.50 -28.03 18.66
CA GLU A 362 -9.47 -27.85 20.12
C GLU A 362 -9.68 -26.38 20.51
N LEU A 363 -10.88 -26.08 21.07
CA LEU A 363 -11.48 -24.76 21.28
C LEU A 363 -11.89 -24.03 19.96
N ASP B 1 13.53 13.01 -26.96
CA ASP B 1 14.32 12.88 -25.71
C ASP B 1 13.79 11.67 -24.94
N GLN B 2 14.56 10.59 -24.92
CA GLN B 2 14.16 9.41 -24.16
C GLN B 2 14.62 9.58 -22.70
N LEU B 3 13.76 9.18 -21.75
CA LEU B 3 14.08 9.37 -20.33
C LEU B 3 14.94 8.24 -19.78
N ILE B 4 15.15 7.17 -20.57
CA ILE B 4 16.03 6.07 -20.23
C ILE B 4 16.74 5.68 -21.52
N ASP B 5 17.98 5.21 -21.39
CA ASP B 5 18.78 4.73 -22.53
C ASP B 5 18.86 3.21 -22.47
N LEU B 6 18.12 2.52 -23.34
CA LEU B 6 18.09 1.06 -23.30
C LEU B 6 19.01 0.42 -24.36
N ASP C 1 -20.39 16.24 0.96
CA ASP C 1 -19.90 14.83 1.00
C ASP C 1 -21.04 13.91 1.45
N GLN C 2 -20.81 13.22 2.56
CA GLN C 2 -21.58 12.06 3.00
C GLN C 2 -21.43 10.91 2.02
N LEU C 3 -20.18 10.49 1.77
CA LEU C 3 -19.98 9.23 1.09
C LEU C 3 -20.16 8.11 2.08
N ILE C 4 -19.60 8.28 3.27
CA ILE C 4 -19.69 7.27 4.33
C ILE C 4 -19.96 8.00 5.65
N ASP C 5 -20.53 7.28 6.62
CA ASP C 5 -20.91 7.91 7.87
C ASP C 5 -20.13 7.25 8.99
N LEU C 6 -19.05 7.91 9.43
CA LEU C 6 -18.16 7.29 10.39
C LEU C 6 -18.63 7.58 11.84
#